data_6NIX
#
_entry.id   6NIX
#
_cell.length_a   67.920
_cell.length_b   178.038
_cell.length_c   76.239
_cell.angle_alpha   90.000
_cell.angle_beta   90.000
_cell.angle_gamma   90.000
#
_symmetry.space_group_name_H-M   'C 2 2 21'
#
loop_
_entity.id
_entity.type
_entity.pdbx_description
1 polymer 'HLA class II histocompatibility antigen, DR alpha chain'
2 polymer 'HLA class II histocompatibility antigen, DRB1-4 beta chain'
3 polymer 'Type II Collagen'
4 non-polymer 2-acetamido-2-deoxy-beta-D-glucopyranose
5 non-polymer 2-[3-(2-HYDROXY-1,1-DIHYDROXYMETHYL-ETHYLAMINO)-PROPYLAMINO]-2-HYDROXYMETHYL-PROPANE-1,3-DIOL
6 water water
#
loop_
_entity_poly.entity_id
_entity_poly.type
_entity_poly.pdbx_seq_one_letter_code
_entity_poly.pdbx_strand_id
1 'polypeptide(L)'
;IKEEHVIIQAEFYLNPDQSGEFMFDFDGDEIFHVDMAKKETVWRLEEFGRFASFEAQGALANIAVDKANLEIMTKRSNYT
PITNVPPEVTVLTNSPVELREPNVLICFIDKFTPPVVNVTWLRNGKPVTTGVSETVFLPREDHLFRKFHYLPFLPSTEDV
YDCRVEHWGLDEPLLKHWEFDTSGDDDDK
;
A
2 'polypeptide(L)'
;GSGDTRPRFLEQVKHECHFFNGTERVRFLDRYFYHQEEYVRFDSDVGEYRAVTELGRPDAEYWNSQKDLLEQKRAAVDTY
CRHNYGVGESFTVQRRVYPEVTVYPAKTQPLQHHNLLVCSVNGFYPGSIEVRWFRNGQEEKTGVVSTGLIQNGDWTFQTL
VMLETVPRSGEVYTCQVEHPSLTSPLTVEWRATGGDDDDK
;
B
3 'polypeptide(L)' GIAGFKGEQGPKGEP C
#
# COMPACT_ATOMS: atom_id res chain seq x y z
N GLU A 4 15.08 -10.94 1.31
CA GLU A 4 14.58 -10.05 0.20
C GLU A 4 13.33 -9.16 0.51
N HIS A 5 13.55 -7.99 1.11
CA HIS A 5 12.48 -7.25 1.71
C HIS A 5 12.87 -5.77 1.92
N VAL A 6 11.85 -4.92 2.14
CA VAL A 6 12.01 -3.46 2.28
C VAL A 6 11.12 -2.91 3.39
N ILE A 7 11.76 -2.19 4.28
CA ILE A 7 11.09 -1.51 5.32
C ILE A 7 11.32 -0.07 5.02
N ILE A 8 10.24 0.71 5.05
CA ILE A 8 10.32 2.13 4.77
C ILE A 8 9.62 2.87 5.88
N GLN A 9 10.29 3.88 6.40
CA GLN A 9 9.70 4.85 7.31
C GLN A 9 9.39 6.06 6.44
N ALA A 10 8.13 6.24 6.13
CA ALA A 10 7.68 7.29 5.25
C ALA A 10 6.99 8.39 6.05
N GLU A 11 7.35 9.61 5.73
CA GLU A 11 6.87 10.79 6.39
C GLU A 11 6.46 11.79 5.32
N PHE A 12 5.48 12.62 5.63
CA PHE A 12 5.24 13.79 4.82
C PHE A 12 4.70 14.95 5.63
N TYR A 13 4.82 16.15 5.09
CA TYR A 13 4.22 17.34 5.69
C TYR A 13 3.68 18.19 4.52
N LEU A 14 2.45 18.65 4.64
CA LEU A 14 1.78 19.36 3.56
C LEU A 14 1.33 20.79 3.96
N ASN A 15 1.72 21.87 3.25
CA ASN A 15 1.16 23.20 3.44
C ASN A 15 0.16 23.52 2.32
N PRO A 16 -0.91 24.31 2.57
CA PRO A 16 -1.11 25.06 3.86
C PRO A 16 -1.89 24.30 4.88
N ASP A 17 -2.16 23.04 4.60
CA ASP A 17 -3.04 22.26 5.43
C ASP A 17 -2.45 21.98 6.77
N GLN A 18 -1.13 22.01 6.89
CA GLN A 18 -0.45 21.61 8.14
C GLN A 18 -0.81 20.20 8.54
N SER A 19 -0.83 19.33 7.53
CA SER A 19 -1.00 17.90 7.72
C SER A 19 0.36 17.16 7.64
N GLY A 20 0.52 16.21 8.52
CA GLY A 20 1.75 15.50 8.71
C GLY A 20 1.38 14.04 8.86
N GLU A 21 2.26 13.15 8.42
CA GLU A 21 2.01 11.72 8.56
C GLU A 21 3.35 11.01 8.78
N PHE A 22 3.31 9.96 9.59
CA PHE A 22 4.44 9.16 9.90
C PHE A 22 3.97 7.72 9.93
N MET A 23 4.61 6.87 9.11
CA MET A 23 4.23 5.45 9.02
C MET A 23 5.44 4.58 8.64
N PHE A 24 5.38 3.31 8.94
CA PHE A 24 6.29 2.24 8.49
C PHE A 24 5.51 1.32 7.59
N ASP A 25 6.18 0.94 6.51
CA ASP A 25 5.67 0.11 5.45
C ASP A 25 6.66 -1.10 5.35
N PHE A 26 6.13 -2.30 5.23
CA PHE A 26 6.92 -3.50 4.98
C PHE A 26 6.41 -4.05 3.68
N ASP A 27 7.23 -4.07 2.64
CA ASP A 27 6.87 -4.64 1.34
C ASP A 27 5.52 -4.14 0.88
N GLY A 28 5.22 -2.86 1.10
CA GLY A 28 3.94 -2.30 0.57
C GLY A 28 2.72 -2.42 1.51
N ASP A 29 2.96 -2.94 2.71
CA ASP A 29 1.95 -3.12 3.77
C ASP A 29 2.31 -2.22 4.95
N GLU A 30 1.31 -1.58 5.55
CA GLU A 30 1.51 -0.66 6.62
C GLU A 30 1.69 -1.47 7.92
N ILE A 31 2.79 -1.23 8.64
CA ILE A 31 2.97 -1.83 9.95
C ILE A 31 2.19 -0.97 10.99
N PHE A 32 2.48 0.31 11.00
CA PHE A 32 1.78 1.24 11.87
C PHE A 32 1.90 2.64 11.32
N HIS A 33 1.13 3.54 11.93
CA HIS A 33 1.33 4.94 11.76
C HIS A 33 1.12 5.62 13.10
N VAL A 34 1.48 6.89 13.17
CA VAL A 34 1.31 7.62 14.41
C VAL A 34 0.19 8.60 14.24
N ASP A 35 -0.82 8.51 15.11
CA ASP A 35 -1.94 9.48 15.12
C ASP A 35 -1.32 10.71 15.76
N MET A 36 -1.27 11.78 15.00
CA MET A 36 -0.53 12.97 15.40
C MET A 36 -1.27 13.77 16.51
N ALA A 37 -2.58 13.88 16.41
CA ALA A 37 -3.39 14.60 17.39
C ALA A 37 -3.28 13.86 18.71
N LYS A 38 -3.60 12.59 18.70
CA LYS A 38 -3.57 11.78 19.92
C LYS A 38 -2.18 11.43 20.41
N LYS A 39 -1.12 11.87 19.72
CA LYS A 39 0.22 11.36 19.96
C LYS A 39 0.33 9.85 20.15
N GLU A 40 -0.37 9.04 19.36
CA GLU A 40 -0.41 7.58 19.63
C GLU A 40 0.08 6.70 18.45
N THR A 41 0.85 5.66 18.73
CA THR A 41 1.09 4.61 17.77
C THR A 41 -0.14 3.78 17.51
N VAL A 42 -0.54 3.66 16.24
CA VAL A 42 -1.68 2.90 15.79
C VAL A 42 -1.23 1.74 14.88
N TRP A 43 -1.41 0.52 15.36
CA TRP A 43 -0.98 -0.69 14.68
C TRP A 43 -1.97 -1.00 13.61
N ARG A 44 -1.50 -1.49 12.46
CA ARG A 44 -2.38 -1.78 11.32
C ARG A 44 -3.23 -2.98 11.60
N LEU A 45 -2.62 -4.01 12.18
CA LEU A 45 -3.33 -5.16 12.78
C LEU A 45 -3.08 -5.18 14.28
N GLU A 46 -4.13 -5.50 15.04
CA GLU A 46 -4.10 -5.57 16.53
C GLU A 46 -2.94 -6.37 17.02
N GLU A 47 -2.80 -7.56 16.45
CA GLU A 47 -1.73 -8.50 16.84
C GLU A 47 -0.37 -7.83 16.99
N PHE A 48 -0.08 -6.88 16.10
CA PHE A 48 1.26 -6.32 16.03
C PHE A 48 1.66 -5.65 17.33
N GLY A 49 0.73 -4.94 17.96
CA GLY A 49 0.93 -4.32 19.27
C GLY A 49 1.38 -5.22 20.44
N ARG A 50 1.15 -6.51 20.32
CA ARG A 50 1.62 -7.51 21.27
C ARG A 50 3.03 -7.96 21.00
N PHE A 51 3.50 -7.80 19.77
CA PHE A 51 4.85 -8.22 19.37
C PHE A 51 5.84 -7.06 19.40
N ALA A 52 5.38 -5.80 19.43
CA ALA A 52 6.32 -4.68 19.36
C ALA A 52 5.74 -3.40 19.88
N SER A 53 6.59 -2.41 19.99
CA SER A 53 6.14 -1.10 20.43
C SER A 53 6.87 -0.08 19.56
N PHE A 54 6.41 1.15 19.67
CA PHE A 54 7.06 2.28 19.07
C PHE A 54 6.66 3.49 19.88
N GLU A 55 7.63 4.35 20.15
CA GLU A 55 7.46 5.55 20.94
C GLU A 55 7.04 6.74 20.02
N ALA A 56 5.74 7.07 20.09
CA ALA A 56 5.08 8.06 19.20
C ALA A 56 5.69 9.44 19.16
N GLN A 57 6.31 9.84 20.27
CA GLN A 57 6.97 11.13 20.39
C GLN A 57 8.10 11.38 19.38
N GLY A 58 8.87 10.34 19.02
CA GLY A 58 9.87 10.52 17.95
C GLY A 58 9.30 11.02 16.63
N ALA A 59 8.11 10.51 16.31
CA ALA A 59 7.42 10.87 15.07
C ALA A 59 7.11 12.36 15.04
N LEU A 60 6.63 12.88 16.17
CA LEU A 60 6.28 14.29 16.26
C LEU A 60 7.50 15.15 16.06
N ALA A 61 8.64 14.73 16.60
CA ALA A 61 9.89 15.44 16.40
C ALA A 61 10.32 15.49 14.92
N ASN A 62 10.19 14.36 14.23
CA ASN A 62 10.55 14.26 12.78
C ASN A 62 9.67 15.15 11.89
N ILE A 63 8.39 15.15 12.17
CA ILE A 63 7.42 16.01 11.51
C ILE A 63 7.76 17.46 11.67
N ALA A 64 8.24 17.82 12.85
CA ALA A 64 8.63 19.23 13.05
C ALA A 64 9.83 19.59 12.17
N VAL A 65 10.76 18.64 11.99
CA VAL A 65 11.87 18.89 11.06
C VAL A 65 11.36 18.95 9.61
N ASP A 66 10.48 18.01 9.24
CA ASP A 66 9.85 18.02 7.91
C ASP A 66 9.13 19.35 7.61
N LYS A 67 8.41 19.86 8.58
CA LYS A 67 7.79 21.21 8.42
C LYS A 67 8.84 22.29 8.18
N ALA A 68 9.88 22.29 9.01
CA ALA A 68 10.97 23.24 8.79
C ALA A 68 11.67 23.07 7.41
N ASN A 69 11.91 21.80 6.98
CA ASN A 69 12.46 21.60 5.65
C ASN A 69 11.50 22.04 4.54
N LEU A 70 10.22 21.86 4.73
CA LEU A 70 9.31 22.28 3.68
C LEU A 70 9.40 23.77 3.45
N GLU A 71 9.49 24.50 4.57
CA GLU A 71 9.60 25.96 4.44
C GLU A 71 10.83 26.35 3.68
N ILE A 72 11.96 25.72 4.05
CA ILE A 72 13.16 25.88 3.25
C ILE A 72 12.98 25.56 1.77
N MET A 73 12.50 24.34 1.45
CA MET A 73 12.45 23.93 0.06
C MET A 73 11.42 24.76 -0.72
N THR A 74 10.35 25.16 -0.04
CA THR A 74 9.33 26.01 -0.69
C THR A 74 10.04 27.29 -1.22
N LYS A 75 10.84 27.95 -0.38
CA LYS A 75 11.57 29.17 -0.89
C LYS A 75 12.62 28.83 -1.93
N ARG A 76 13.42 27.79 -1.65
CA ARG A 76 14.46 27.37 -2.62
C ARG A 76 13.79 27.15 -4.00
N SER A 77 12.59 26.61 -4.02
CA SER A 77 11.88 26.44 -5.31
C SER A 77 11.26 27.68 -5.95
N ASN A 78 11.40 28.88 -5.34
CA ASN A 78 10.60 30.05 -5.79
C ASN A 78 9.09 29.80 -5.67
N TYR A 79 8.67 29.15 -4.58
CA TYR A 79 7.25 28.86 -4.33
C TYR A 79 6.59 28.12 -5.47
N THR A 80 7.27 27.14 -6.05
CA THR A 80 6.63 26.28 -7.06
C THR A 80 5.72 25.29 -6.30
N PRO A 81 4.43 25.30 -6.61
CA PRO A 81 3.51 24.43 -5.88
C PRO A 81 3.45 23.08 -6.57
N ILE A 82 2.82 22.13 -5.91
CA ILE A 82 2.56 20.84 -6.50
C ILE A 82 1.53 20.84 -7.65
N THR A 83 1.73 19.99 -8.62
CA THR A 83 0.72 19.72 -9.66
C THR A 83 -0.23 18.60 -9.15
N ASN A 84 -1.55 18.81 -9.16
CA ASN A 84 -2.52 17.83 -8.72
C ASN A 84 -2.53 16.64 -9.69
N VAL A 85 -2.52 15.41 -9.17
CA VAL A 85 -2.60 14.21 -9.98
C VAL A 85 -3.79 13.49 -9.41
N PRO A 86 -4.90 13.41 -10.19
CA PRO A 86 -6.12 12.79 -9.72
C PRO A 86 -6.00 11.26 -9.59
N PRO A 87 -6.73 10.63 -8.66
CA PRO A 87 -6.61 9.20 -8.43
C PRO A 87 -7.30 8.36 -9.45
N GLU A 88 -6.88 7.10 -9.54
CA GLU A 88 -7.67 6.01 -10.10
C GLU A 88 -8.36 5.33 -8.99
N VAL A 89 -9.59 4.90 -9.21
CA VAL A 89 -10.39 4.33 -8.18
C VAL A 89 -10.97 3.00 -8.61
N THR A 90 -10.95 2.02 -7.72
CA THR A 90 -11.51 0.69 -8.02
C THR A 90 -12.31 0.20 -6.81
N VAL A 91 -13.44 -0.43 -7.08
CA VAL A 91 -14.26 -0.98 -6.01
C VAL A 91 -14.37 -2.48 -6.17
N LEU A 92 -14.04 -3.23 -5.12
CA LEU A 92 -14.13 -4.70 -5.16
C LEU A 92 -14.54 -5.25 -3.84
N THR A 93 -14.80 -6.55 -3.75
CA THR A 93 -15.11 -7.14 -2.46
C THR A 93 -13.92 -7.94 -1.95
N ASN A 94 -13.82 -8.21 -0.65
CA ASN A 94 -12.66 -8.96 -0.24
C ASN A 94 -12.80 -10.43 -0.48
N SER A 95 -14.02 -10.92 -0.68
CA SER A 95 -14.28 -12.34 -0.93
C SER A 95 -15.44 -12.54 -1.92
N PRO A 96 -15.49 -13.67 -2.63
CA PRO A 96 -16.60 -13.85 -3.57
C PRO A 96 -17.94 -13.70 -2.85
N VAL A 97 -18.92 -13.23 -3.58
CA VAL A 97 -20.07 -12.62 -2.96
C VAL A 97 -21.17 -13.65 -2.94
N GLU A 98 -21.81 -13.79 -1.78
CA GLU A 98 -22.93 -14.71 -1.63
C GLU A 98 -24.08 -13.99 -0.93
N LEU A 99 -25.28 -14.08 -1.50
CA LEU A 99 -26.44 -13.45 -0.89
C LEU A 99 -26.51 -13.81 0.57
N ARG A 100 -26.69 -12.80 1.41
CA ARG A 100 -26.81 -12.96 2.84
C ARG A 100 -25.52 -13.35 3.57
N GLU A 101 -24.37 -13.49 2.87
CA GLU A 101 -23.07 -13.78 3.53
C GLU A 101 -22.31 -12.47 3.75
N PRO A 102 -22.16 -12.07 5.02
CA PRO A 102 -21.42 -10.84 5.25
C PRO A 102 -20.10 -10.79 4.43
N ASN A 103 -19.77 -9.58 3.95
CA ASN A 103 -18.57 -9.37 3.14
C ASN A 103 -18.06 -7.93 3.38
N VAL A 104 -17.09 -7.49 2.59
CA VAL A 104 -16.53 -6.13 2.75
C VAL A 104 -16.29 -5.66 1.34
N LEU A 105 -16.86 -4.51 1.08
CA LEU A 105 -16.49 -3.72 -0.05
C LEU A 105 -15.25 -2.91 0.24
N ILE A 106 -14.35 -2.91 -0.74
CA ILE A 106 -13.09 -2.16 -0.66
C ILE A 106 -13.05 -1.10 -1.77
N CYS A 107 -12.71 0.12 -1.39
CA CYS A 107 -12.55 1.21 -2.35
C CYS A 107 -11.06 1.59 -2.32
N PHE A 108 -10.35 1.32 -3.41
CA PHE A 108 -8.92 1.49 -3.52
C PHE A 108 -8.66 2.71 -4.36
N ILE A 109 -8.04 3.72 -3.76
CA ILE A 109 -7.79 5.02 -4.38
C ILE A 109 -6.30 5.12 -4.56
N ASP A 110 -5.85 5.19 -5.80
CA ASP A 110 -4.41 5.17 -6.04
C ASP A 110 -3.86 6.08 -7.11
N LYS A 111 -2.55 6.32 -6.99
CA LYS A 111 -1.80 7.16 -7.88
C LYS A 111 -2.25 8.60 -7.83
N PHE A 112 -2.32 9.16 -6.65
CA PHE A 112 -2.74 10.53 -6.54
C PHE A 112 -1.81 11.35 -5.68
N THR A 113 -1.84 12.65 -5.93
CA THR A 113 -1.16 13.61 -5.07
C THR A 113 -1.83 15.00 -5.28
N PRO A 114 -1.90 15.88 -4.26
CA PRO A 114 -1.35 15.70 -2.92
C PRO A 114 -2.22 14.79 -2.08
N PRO A 115 -1.74 14.37 -0.90
CA PRO A 115 -2.46 13.39 -0.06
C PRO A 115 -3.60 14.06 0.72
N VAL A 116 -4.63 14.46 -0.02
CA VAL A 116 -5.87 15.00 0.52
C VAL A 116 -7.01 14.48 -0.35
N VAL A 117 -7.97 13.85 0.26
CA VAL A 117 -9.10 13.28 -0.46
C VAL A 117 -10.36 13.27 0.46
N ASN A 118 -11.55 13.46 -0.14
CA ASN A 118 -12.83 13.17 0.50
C ASN A 118 -13.42 11.92 -0.15
N VAL A 119 -13.80 10.95 0.69
CA VAL A 119 -14.33 9.69 0.23
C VAL A 119 -15.60 9.37 0.98
N THR A 120 -16.68 9.12 0.23
CA THR A 120 -17.92 8.73 0.79
C THR A 120 -18.39 7.44 0.18
N TRP A 121 -18.88 6.55 1.03
CA TRP A 121 -19.60 5.39 0.58
C TRP A 121 -21.10 5.76 0.50
N LEU A 122 -21.74 5.30 -0.57
CA LEU A 122 -23.14 5.56 -0.90
C LEU A 122 -23.84 4.23 -1.08
N ARG A 123 -25.00 4.12 -0.46
CA ARG A 123 -25.87 2.97 -0.58
C ARG A 123 -27.15 3.54 -1.19
N ASN A 124 -27.62 2.96 -2.28
CA ASN A 124 -28.83 3.47 -2.99
C ASN A 124 -28.80 5.01 -2.97
N GLY A 125 -27.62 5.56 -3.19
CA GLY A 125 -27.43 6.98 -3.33
C GLY A 125 -27.31 7.78 -2.06
N LYS A 126 -27.41 7.14 -0.90
CA LYS A 126 -27.33 7.88 0.37
C LYS A 126 -26.05 7.55 1.14
N PRO A 127 -25.36 8.58 1.65
CA PRO A 127 -24.10 8.32 2.37
C PRO A 127 -24.29 7.32 3.51
N VAL A 128 -23.28 6.50 3.71
CA VAL A 128 -23.31 5.56 4.81
C VAL A 128 -22.00 5.60 5.55
N THR A 129 -22.12 5.52 6.86
CA THR A 129 -21.01 5.68 7.81
C THR A 129 -20.86 4.52 8.81
N THR A 130 -21.83 3.62 8.88
CA THR A 130 -21.84 2.64 9.93
C THR A 130 -20.94 1.51 9.52
N GLY A 131 -19.93 1.30 10.36
CA GLY A 131 -18.97 0.27 10.15
C GLY A 131 -17.89 0.58 9.12
N VAL A 132 -17.83 1.80 8.60
CA VAL A 132 -16.77 2.15 7.66
C VAL A 132 -15.41 2.33 8.34
N SER A 133 -14.35 1.91 7.65
CA SER A 133 -13.01 2.21 8.09
C SER A 133 -12.11 2.59 6.91
N GLU A 134 -10.92 3.07 7.22
CA GLU A 134 -9.99 3.57 6.22
C GLU A 134 -8.52 3.55 6.68
N THR A 135 -7.61 3.44 5.72
CA THR A 135 -6.23 3.62 5.99
C THR A 135 -5.84 5.07 5.93
N VAL A 136 -4.68 5.36 6.46
CA VAL A 136 -3.97 6.60 6.17
C VAL A 136 -3.42 6.55 4.70
N PHE A 137 -2.76 7.60 4.30
CA PHE A 137 -2.16 7.67 2.93
C PHE A 137 -0.91 6.82 2.87
N LEU A 138 -0.89 5.89 1.94
CA LEU A 138 0.23 4.97 1.82
C LEU A 138 1.18 5.44 0.70
N PRO A 139 2.46 5.28 0.90
CA PRO A 139 3.37 5.74 -0.13
C PRO A 139 3.47 4.74 -1.31
N ARG A 140 3.77 5.25 -2.50
CA ARG A 140 4.02 4.48 -3.66
C ARG A 140 5.45 4.79 -4.01
N GLU A 141 6.03 3.89 -4.80
CA GLU A 141 7.41 4.00 -5.26
C GLU A 141 7.59 5.11 -6.23
N ASP A 142 6.53 5.61 -6.86
CA ASP A 142 6.65 6.78 -7.70
C ASP A 142 6.31 8.06 -6.89
N HIS A 143 6.14 7.95 -5.57
CA HIS A 143 6.03 9.10 -4.67
C HIS A 143 4.71 9.79 -4.75
N LEU A 144 3.77 9.18 -5.43
CA LEU A 144 2.35 9.48 -5.28
C LEU A 144 1.84 8.64 -4.08
N PHE A 145 0.56 8.64 -3.87
CA PHE A 145 -0.05 7.96 -2.71
C PHE A 145 -1.18 7.01 -3.10
N ARG A 146 -1.49 6.11 -2.16
CA ARG A 146 -2.55 5.11 -2.28
C ARG A 146 -3.37 5.10 -0.98
N LYS A 147 -4.62 4.67 -1.04
CA LYS A 147 -5.47 4.66 0.16
C LYS A 147 -6.62 3.68 0.02
N PHE A 148 -7.04 3.08 1.12
CA PHE A 148 -8.12 2.10 1.12
C PHE A 148 -9.26 2.57 2.03
N HIS A 149 -10.50 2.39 1.58
CA HIS A 149 -11.66 2.56 2.41
C HIS A 149 -12.45 1.28 2.40
N TYR A 150 -13.06 0.95 3.54
CA TYR A 150 -13.76 -0.28 3.68
C TYR A 150 -15.19 -0.12 4.14
N LEU A 151 -16.05 -0.99 3.65
CA LEU A 151 -17.46 -0.98 4.03
C LEU A 151 -17.98 -2.43 4.14
N PRO A 152 -18.06 -2.96 5.38
CA PRO A 152 -18.72 -4.25 5.67
C PRO A 152 -20.16 -4.23 5.21
N PHE A 153 -20.61 -5.29 4.59
CA PHE A 153 -21.98 -5.26 4.15
C PHE A 153 -22.51 -6.69 4.04
N LEU A 154 -23.84 -6.73 3.94
CA LEU A 154 -24.61 -7.92 3.66
C LEU A 154 -25.14 -7.83 2.27
N PRO A 155 -24.71 -8.71 1.38
CA PRO A 155 -25.17 -8.56 0.03
C PRO A 155 -26.62 -8.90 -0.18
N SER A 156 -27.25 -8.13 -1.06
CA SER A 156 -28.66 -8.28 -1.44
C SER A 156 -28.83 -7.80 -2.86
N THR A 157 -29.76 -8.38 -3.60
CA THR A 157 -30.15 -7.83 -4.90
C THR A 157 -30.86 -6.47 -4.73
N GLU A 158 -31.34 -6.16 -3.54
CA GLU A 158 -31.97 -4.85 -3.22
C GLU A 158 -31.08 -3.60 -3.15
N ASP A 159 -29.75 -3.75 -3.05
CA ASP A 159 -28.87 -2.61 -2.78
C ASP A 159 -27.83 -2.41 -3.88
N VAL A 160 -27.51 -1.17 -4.18
CA VAL A 160 -26.36 -0.83 -5.01
C VAL A 160 -25.45 0.08 -4.22
N TYR A 161 -24.15 0.02 -4.51
CA TYR A 161 -23.16 0.84 -3.81
C TYR A 161 -22.33 1.65 -4.79
N ASP A 162 -21.76 2.76 -4.30
CA ASP A 162 -20.77 3.57 -5.00
C ASP A 162 -19.76 4.04 -4.01
N CYS A 163 -18.52 4.10 -4.46
CA CYS A 163 -17.54 4.80 -3.70
C CYS A 163 -17.34 6.13 -4.41
N ARG A 164 -17.49 7.23 -3.68
CA ARG A 164 -17.34 8.56 -4.25
C ARG A 164 -16.05 9.16 -3.73
N VAL A 165 -15.25 9.70 -4.64
CA VAL A 165 -13.96 10.25 -4.28
C VAL A 165 -13.89 11.65 -4.82
N GLU A 166 -13.51 12.62 -3.99
CA GLU A 166 -13.21 13.95 -4.48
C GLU A 166 -11.77 14.24 -4.19
N HIS A 167 -11.17 14.95 -5.13
CA HIS A 167 -9.82 15.33 -5.06
C HIS A 167 -9.64 16.56 -5.96
N TRP A 168 -8.66 17.39 -5.65
CA TRP A 168 -8.52 18.66 -6.31
C TRP A 168 -8.05 18.52 -7.77
N GLY A 169 -7.38 17.43 -8.17
CA GLY A 169 -7.23 17.17 -9.57
C GLY A 169 -8.41 16.67 -10.39
N LEU A 170 -9.55 16.37 -9.79
CA LEU A 170 -10.69 15.86 -10.55
C LEU A 170 -11.58 17.05 -10.92
N ASP A 171 -12.13 17.04 -12.13
CA ASP A 171 -13.17 18.04 -12.51
C ASP A 171 -14.45 17.90 -11.71
N GLU A 172 -14.82 16.68 -11.37
CA GLU A 172 -16.07 16.40 -10.65
C GLU A 172 -15.87 15.11 -9.79
N PRO A 173 -16.75 14.86 -8.81
CA PRO A 173 -16.43 13.67 -8.02
C PRO A 173 -16.40 12.37 -8.88
N LEU A 174 -15.50 11.49 -8.57
CA LEU A 174 -15.47 10.21 -9.26
C LEU A 174 -16.29 9.21 -8.43
N LEU A 175 -17.26 8.56 -9.04
CA LEU A 175 -18.09 7.56 -8.39
C LEU A 175 -17.85 6.22 -9.03
N LYS A 176 -17.57 5.23 -8.22
CA LYS A 176 -17.28 3.95 -8.75
C LYS A 176 -18.30 2.98 -8.20
N HIS A 177 -18.97 2.26 -9.08
CA HIS A 177 -20.19 1.56 -8.76
C HIS A 177 -19.98 0.12 -8.43
N TRP A 178 -20.86 -0.44 -7.62
CA TRP A 178 -20.85 -1.89 -7.38
C TRP A 178 -22.26 -2.40 -7.12
N GLU A 179 -22.57 -3.54 -7.73
CA GLU A 179 -23.79 -4.21 -7.43
C GLU A 179 -23.60 -5.68 -7.65
N PHE A 180 -24.49 -6.43 -7.01
CA PHE A 180 -24.62 -7.86 -7.17
C PHE A 180 -24.99 -8.29 -8.60
N ASP A 181 -24.13 -9.10 -9.24
CA ASP A 181 -24.38 -9.86 -10.51
C ASP A 181 -23.09 -9.97 -11.31
N ASP B 4 -11.43 24.77 -2.36
CA ASP B 4 -10.09 25.34 -2.05
C ASP B 4 -9.07 25.20 -3.23
N THR B 5 -8.72 26.35 -3.78
CA THR B 5 -7.75 26.45 -4.84
C THR B 5 -6.40 27.05 -4.34
N ARG B 6 -6.16 27.18 -3.04
CA ARG B 6 -4.82 27.62 -2.61
C ARG B 6 -3.72 26.58 -3.06
N PRO B 7 -2.57 27.07 -3.49
CA PRO B 7 -1.51 26.15 -3.90
C PRO B 7 -1.03 25.29 -2.73
N ARG B 8 -0.58 24.07 -3.02
CA ARG B 8 -0.09 23.15 -2.00
C ARG B 8 1.41 22.91 -2.16
N PHE B 9 2.04 22.60 -1.05
CA PHE B 9 3.46 22.33 -0.98
C PHE B 9 3.69 21.11 -0.08
N LEU B 10 4.51 20.15 -0.58
CA LEU B 10 4.60 18.84 0.05
C LEU B 10 6.07 18.47 0.20
N GLU B 11 6.43 18.06 1.42
CA GLU B 11 7.73 17.53 1.71
C GLU B 11 7.51 16.08 2.08
N GLN B 12 8.37 15.21 1.50
CA GLN B 12 8.36 13.79 1.93
C GLN B 12 9.79 13.36 2.27
N VAL B 13 9.89 12.45 3.23
CA VAL B 13 11.14 11.81 3.59
C VAL B 13 10.80 10.34 3.63
N LYS B 14 11.64 9.51 2.98
CA LYS B 14 11.57 8.09 3.10
C LYS B 14 12.96 7.50 3.52
N HIS B 15 12.93 6.80 4.67
CA HIS B 15 14.10 6.17 5.23
C HIS B 15 13.86 4.72 4.92
N GLU B 16 14.68 4.18 4.03
CA GLU B 16 14.46 2.87 3.48
C GLU B 16 15.58 1.95 3.91
N CYS B 17 15.18 0.72 4.20
CA CYS B 17 16.09 -0.37 4.56
C CYS B 17 15.82 -1.52 3.63
N HIS B 18 16.78 -1.88 2.80
CA HIS B 18 16.68 -2.98 1.81
C HIS B 18 17.49 -4.17 2.32
N PHE B 19 16.83 -5.34 2.45
CA PHE B 19 17.41 -6.58 3.01
C PHE B 19 17.52 -7.59 1.93
N PHE B 20 18.69 -8.18 1.85
CA PHE B 20 18.98 -9.22 0.84
C PHE B 20 19.48 -10.42 1.66
N ASN B 21 18.74 -11.53 1.56
CA ASN B 21 19.03 -12.75 2.35
C ASN B 21 19.01 -12.42 3.83
N GLY B 22 17.85 -11.99 4.30
CA GLY B 22 17.68 -11.59 5.69
C GLY B 22 18.52 -10.40 5.95
N THR B 23 19.26 -10.39 7.06
CA THR B 23 20.19 -9.28 7.32
C THR B 23 21.67 -9.45 6.87
N GLU B 24 21.94 -10.47 6.06
CA GLU B 24 23.29 -10.67 5.53
C GLU B 24 23.77 -9.50 4.63
N ARG B 25 22.89 -9.00 3.79
CA ARG B 25 23.22 -7.83 2.95
C ARG B 25 22.11 -6.74 3.18
N VAL B 26 22.52 -5.55 3.63
CA VAL B 26 21.58 -4.48 4.02
C VAL B 26 22.03 -3.18 3.37
N ARG B 27 21.11 -2.51 2.67
CA ARG B 27 21.35 -1.17 2.15
C ARG B 27 20.38 -0.16 2.75
N PHE B 28 20.90 0.97 3.18
CA PHE B 28 20.13 2.02 3.81
C PHE B 28 20.12 3.22 2.88
N LEU B 29 18.92 3.78 2.68
CA LEU B 29 18.74 4.99 1.88
C LEU B 29 17.86 6.03 2.61
N ASP B 30 18.35 7.26 2.67
CA ASP B 30 17.63 8.38 3.26
C ASP B 30 17.28 9.16 2.00
N ARG B 31 16.00 9.42 1.78
CA ARG B 31 15.60 10.08 0.54
C ARG B 31 14.64 11.24 0.91
N TYR B 32 14.84 12.39 0.30
CA TYR B 32 14.08 13.60 0.54
C TYR B 32 13.41 14.02 -0.78
N PHE B 33 12.13 14.41 -0.70
CA PHE B 33 11.34 14.74 -1.88
C PHE B 33 10.60 16.07 -1.70
N TYR B 34 10.48 16.84 -2.77
CA TYR B 34 9.71 18.07 -2.75
C TYR B 34 8.67 17.83 -3.84
N HIS B 35 7.41 17.72 -3.42
CA HIS B 35 6.26 17.18 -4.18
C HIS B 35 6.56 15.70 -4.48
N GLN B 36 6.92 15.42 -5.72
CA GLN B 36 7.30 14.08 -6.16
C GLN B 36 8.77 13.94 -6.50
N GLU B 37 9.54 14.99 -6.37
CA GLU B 37 10.90 15.02 -6.89
C GLU B 37 11.90 14.80 -5.76
N GLU B 38 12.65 13.72 -5.86
CA GLU B 38 13.73 13.41 -4.96
C GLU B 38 14.80 14.44 -5.28
N TYR B 39 15.25 15.15 -4.26
CA TYR B 39 16.26 16.14 -4.46
C TYR B 39 17.62 15.81 -3.85
N VAL B 40 17.66 14.98 -2.83
CA VAL B 40 18.90 14.60 -2.17
C VAL B 40 18.69 13.32 -1.43
N ARG B 41 19.76 12.53 -1.30
CA ARG B 41 19.66 11.24 -0.62
C ARG B 41 20.99 10.82 -0.02
N PHE B 42 20.92 9.97 1.00
CA PHE B 42 22.09 9.37 1.61
C PHE B 42 21.97 7.88 1.28
N ASP B 43 22.95 7.35 0.57
CA ASP B 43 23.00 5.95 0.19
C ASP B 43 24.14 5.32 1.01
N SER B 44 23.86 4.21 1.70
CA SER B 44 24.85 3.58 2.53
C SER B 44 25.97 2.91 1.62
N ASP B 45 25.66 2.64 0.38
CA ASP B 45 26.64 2.20 -0.63
C ASP B 45 27.72 3.30 -0.86
N VAL B 46 27.37 4.56 -0.66
CA VAL B 46 28.27 5.71 -0.85
C VAL B 46 28.84 6.23 0.48
N GLY B 47 27.99 6.38 1.50
CA GLY B 47 28.38 6.90 2.80
C GLY B 47 28.45 8.43 2.89
N GLU B 48 27.88 9.12 1.90
CA GLU B 48 27.66 10.56 1.96
C GLU B 48 26.34 10.86 1.24
N TYR B 49 25.82 12.05 1.47
CA TYR B 49 24.65 12.58 0.79
C TYR B 49 25.07 12.98 -0.60
N ARG B 50 24.13 12.88 -1.55
CA ARG B 50 24.37 13.29 -2.94
C ARG B 50 23.13 14.01 -3.41
N ALA B 51 23.32 15.09 -4.15
CA ALA B 51 22.27 15.85 -4.76
C ALA B 51 21.73 15.00 -5.87
N VAL B 52 20.40 14.80 -5.87
CA VAL B 52 19.72 14.11 -6.96
C VAL B 52 19.30 15.10 -8.03
N THR B 53 18.89 16.31 -7.62
CA THR B 53 18.64 17.40 -8.50
C THR B 53 19.34 18.62 -7.93
N GLU B 54 19.37 19.67 -8.71
CA GLU B 54 20.02 20.94 -8.38
C GLU B 54 19.46 21.53 -7.06
N LEU B 55 18.15 21.38 -6.88
CA LEU B 55 17.50 21.78 -5.63
C LEU B 55 18.14 21.24 -4.36
N GLY B 56 18.82 20.08 -4.43
CA GLY B 56 19.40 19.45 -3.25
C GLY B 56 20.88 19.71 -2.99
N ARG B 57 21.55 20.44 -3.86
CA ARG B 57 22.98 20.74 -3.69
C ARG B 57 23.33 21.44 -2.40
N PRO B 58 22.53 22.44 -1.96
CA PRO B 58 22.90 23.07 -0.71
C PRO B 58 22.76 22.11 0.47
N ASP B 59 21.80 21.18 0.44
CA ASP B 59 21.72 20.21 1.55
C ASP B 59 22.83 19.17 1.54
N ALA B 60 23.29 18.72 0.35
CA ALA B 60 24.40 17.70 0.25
C ALA B 60 25.64 18.25 0.87
N GLU B 61 26.01 19.44 0.43
CA GLU B 61 27.14 20.19 0.99
C GLU B 61 27.04 20.47 2.46
N TYR B 62 25.92 21.03 2.85
CA TYR B 62 25.74 21.34 4.24
C TYR B 62 25.83 20.10 5.11
N TRP B 63 25.08 19.06 4.75
CA TRP B 63 25.05 17.86 5.57
C TRP B 63 26.35 17.07 5.51
N ASN B 64 27.01 17.07 4.37
CA ASN B 64 28.34 16.38 4.28
C ASN B 64 29.48 17.07 5.07
N SER B 65 29.34 18.36 5.38
CA SER B 65 30.27 19.07 6.24
C SER B 65 30.08 18.66 7.69
N GLN B 66 29.03 17.90 8.06
CA GLN B 66 28.82 17.45 9.46
C GLN B 66 29.21 16.02 9.65
N LYS B 67 30.44 15.82 10.17
CA LYS B 67 31.06 14.52 10.32
C LYS B 67 30.26 13.60 11.27
N ASP B 68 29.70 14.17 12.34
CA ASP B 68 28.87 13.37 13.28
C ASP B 68 27.58 12.90 12.60
N LEU B 69 26.99 13.73 11.72
CA LEU B 69 25.77 13.33 11.00
C LEU B 69 26.10 12.14 10.09
N LEU B 70 27.18 12.28 9.31
CA LEU B 70 27.57 11.19 8.40
C LEU B 70 27.84 9.93 9.14
N GLU B 71 28.44 10.04 10.32
CA GLU B 71 28.77 8.85 11.05
C GLU B 71 27.55 8.17 11.66
N GLN B 72 26.59 8.95 12.14
CA GLN B 72 25.28 8.43 12.48
C GLN B 72 24.68 7.72 11.26
N LYS B 73 24.73 8.34 10.08
CA LYS B 73 24.07 7.70 8.91
C LYS B 73 24.86 6.50 8.40
N ARG B 74 26.19 6.54 8.55
CA ARG B 74 27.01 5.37 8.20
C ARG B 74 26.70 4.20 9.09
N ALA B 75 26.19 4.46 10.27
CA ALA B 75 25.86 3.36 11.18
C ALA B 75 24.43 2.79 11.04
N ALA B 76 23.59 3.45 10.24
CA ALA B 76 22.15 3.10 10.27
C ALA B 76 21.86 1.69 9.74
N VAL B 77 22.63 1.18 8.77
CA VAL B 77 22.44 -0.25 8.43
C VAL B 77 22.37 -1.15 9.65
N ASP B 78 23.16 -0.83 10.67
CA ASP B 78 23.15 -1.64 11.90
C ASP B 78 22.18 -1.15 12.97
N THR B 79 22.24 0.12 13.34
CA THR B 79 21.46 0.60 14.48
C THR B 79 19.96 0.83 14.15
N TYR B 80 19.64 0.98 12.86
CA TYR B 80 18.25 1.21 12.41
C TYR B 80 17.72 -0.01 11.63
N CYS B 81 18.30 -0.26 10.47
CA CYS B 81 17.80 -1.36 9.64
C CYS B 81 17.88 -2.74 10.33
N ARG B 82 19.09 -3.21 10.72
CA ARG B 82 19.19 -4.57 11.30
C ARG B 82 18.37 -4.65 12.53
N HIS B 83 18.31 -3.57 13.29
CA HIS B 83 17.54 -3.56 14.50
C HIS B 83 16.05 -3.75 14.25
N ASN B 84 15.49 -2.97 13.32
CA ASN B 84 14.03 -3.08 13.04
C ASN B 84 13.71 -4.37 12.41
N TYR B 85 14.62 -4.91 11.60
CA TYR B 85 14.40 -6.22 11.02
C TYR B 85 14.21 -7.25 12.14
N GLY B 86 15.07 -7.21 13.15
CA GLY B 86 15.00 -8.13 14.30
C GLY B 86 13.67 -7.94 15.01
N VAL B 87 13.27 -6.68 15.24
CA VAL B 87 12.02 -6.47 15.92
C VAL B 87 10.82 -7.08 15.19
N GLY B 88 10.79 -6.99 13.84
CA GLY B 88 9.54 -7.25 13.09
C GLY B 88 9.43 -8.59 12.39
N GLU B 89 10.53 -9.31 12.37
CA GLU B 89 10.68 -10.45 11.47
C GLU B 89 9.60 -11.44 11.67
N SER B 90 9.25 -11.68 12.93
CA SER B 90 8.33 -12.79 13.27
C SER B 90 6.94 -12.58 12.70
N PHE B 91 6.50 -11.34 12.59
CA PHE B 91 5.16 -11.11 12.12
C PHE B 91 5.10 -10.38 10.80
N THR B 92 6.25 -10.25 10.12
CA THR B 92 6.30 -9.68 8.79
C THR B 92 7.01 -10.62 7.87
N VAL B 93 8.35 -10.72 7.95
CA VAL B 93 9.12 -11.67 7.09
C VAL B 93 8.59 -13.11 7.20
N GLN B 94 8.16 -13.53 8.37
CA GLN B 94 7.67 -14.87 8.58
C GLN B 94 6.15 -14.97 8.60
N ARG B 95 5.42 -13.91 8.32
CA ARG B 95 3.96 -14.01 8.14
C ARG B 95 3.59 -14.95 6.97
N ARG B 96 2.72 -15.91 7.26
CA ARG B 96 2.20 -16.83 6.26
C ARG B 96 0.69 -16.91 6.44
N VAL B 97 -0.08 -16.83 5.36
CA VAL B 97 -1.53 -16.92 5.49
C VAL B 97 -2.03 -17.64 4.27
N TYR B 98 -2.76 -18.72 4.51
CA TYR B 98 -3.07 -19.70 3.48
C TYR B 98 -4.10 -19.12 2.49
N PRO B 99 -3.97 -19.47 1.22
CA PRO B 99 -4.98 -19.04 0.22
C PRO B 99 -6.28 -19.86 0.29
N GLU B 100 -7.42 -19.19 0.47
CA GLU B 100 -8.75 -19.77 0.34
C GLU B 100 -9.07 -19.78 -1.16
N VAL B 101 -9.46 -20.92 -1.69
CA VAL B 101 -9.65 -21.10 -3.10
C VAL B 101 -11.08 -21.48 -3.37
N THR B 102 -11.71 -20.78 -4.30
CA THR B 102 -13.12 -20.98 -4.68
C THR B 102 -13.17 -21.02 -6.21
N VAL B 103 -13.79 -22.04 -6.77
CA VAL B 103 -14.11 -22.02 -8.17
C VAL B 103 -15.62 -21.79 -8.36
N TYR B 104 -15.99 -20.98 -9.36
CA TYR B 104 -17.37 -20.66 -9.67
C TYR B 104 -17.50 -20.23 -11.16
N PRO B 105 -18.67 -20.51 -11.80
CA PRO B 105 -18.83 -20.14 -13.18
C PRO B 105 -19.40 -18.78 -13.27
N ALA B 106 -19.21 -18.18 -14.42
CA ALA B 106 -19.62 -16.81 -14.67
C ALA B 106 -19.78 -16.66 -16.20
N LYS B 107 -20.21 -15.49 -16.66
CA LYS B 107 -20.50 -15.24 -18.08
C LYS B 107 -19.74 -14.01 -18.57
N THR B 108 -19.15 -14.09 -19.77
CA THR B 108 -18.46 -12.93 -20.32
C THR B 108 -19.45 -11.86 -20.82
N GLN B 109 -20.22 -12.17 -21.87
CA GLN B 109 -21.28 -11.28 -22.33
C GLN B 109 -22.47 -11.57 -21.41
N PRO B 110 -22.89 -10.58 -20.59
CA PRO B 110 -24.07 -10.82 -19.76
C PRO B 110 -25.13 -11.64 -20.48
N LEU B 111 -25.62 -12.68 -19.82
CA LEU B 111 -26.67 -13.56 -20.33
C LEU B 111 -26.35 -14.26 -21.67
N GLN B 112 -25.29 -15.07 -21.55
CA GLN B 112 -24.71 -16.03 -22.51
C GLN B 112 -24.46 -17.29 -21.63
N HIS B 113 -24.66 -18.51 -22.11
CA HIS B 113 -24.52 -19.64 -21.15
C HIS B 113 -23.13 -19.51 -20.48
N HIS B 114 -22.94 -20.03 -19.26
CA HIS B 114 -21.64 -19.90 -18.56
C HIS B 114 -20.45 -20.21 -19.47
N ASN B 115 -19.58 -19.24 -19.70
CA ASN B 115 -18.33 -19.50 -20.46
C ASN B 115 -17.03 -18.98 -19.82
N LEU B 116 -17.09 -18.75 -18.51
CA LEU B 116 -15.97 -18.29 -17.69
C LEU B 116 -16.00 -19.17 -16.46
N LEU B 117 -14.91 -19.87 -16.19
CA LEU B 117 -14.69 -20.46 -14.89
C LEU B 117 -13.72 -19.56 -14.16
N VAL B 118 -14.16 -19.11 -12.98
CA VAL B 118 -13.37 -18.27 -12.14
C VAL B 118 -12.73 -19.05 -10.99
N CYS B 119 -11.40 -19.03 -10.94
CA CYS B 119 -10.63 -19.46 -9.76
C CYS B 119 -10.29 -18.27 -8.90
N SER B 120 -11.04 -18.11 -7.82
CA SER B 120 -10.86 -16.99 -6.89
C SER B 120 -9.99 -17.42 -5.70
N VAL B 121 -8.88 -16.70 -5.48
CA VAL B 121 -7.88 -17.01 -4.48
C VAL B 121 -7.82 -15.84 -3.56
N ASN B 122 -8.23 -16.05 -2.30
CA ASN B 122 -8.42 -14.95 -1.36
C ASN B 122 -7.67 -15.11 -0.03
N GLY B 123 -7.33 -13.95 0.57
CA GLY B 123 -6.83 -13.84 1.91
C GLY B 123 -5.42 -14.34 2.15
N PHE B 124 -4.64 -14.51 1.09
CA PHE B 124 -3.25 -15.04 1.24
C PHE B 124 -2.17 -13.99 1.56
N TYR B 125 -1.08 -14.48 2.15
CA TYR B 125 0.13 -13.67 2.38
C TYR B 125 1.34 -14.66 2.49
N PRO B 126 2.49 -14.36 1.87
CA PRO B 126 2.79 -13.07 1.16
C PRO B 126 2.23 -13.08 -0.27
N GLY B 127 2.63 -12.14 -1.11
CA GLY B 127 2.02 -12.02 -2.43
C GLY B 127 2.36 -12.96 -3.54
N SER B 128 3.51 -13.59 -3.52
CA SER B 128 3.86 -14.44 -4.66
C SER B 128 2.95 -15.68 -4.72
N ILE B 129 2.33 -15.90 -5.87
CA ILE B 129 1.44 -17.04 -6.07
C ILE B 129 1.49 -17.42 -7.51
N GLU B 130 1.12 -18.65 -7.77
CA GLU B 130 1.05 -19.16 -9.13
C GLU B 130 -0.22 -19.97 -9.17
N VAL B 131 -1.12 -19.57 -10.06
CA VAL B 131 -2.40 -20.21 -10.23
C VAL B 131 -2.44 -20.71 -11.64
N ARG B 132 -2.88 -21.95 -11.82
CA ARG B 132 -2.96 -22.58 -13.14
C ARG B 132 -4.29 -23.30 -13.36
N TRP B 133 -4.68 -23.47 -14.62
CA TRP B 133 -5.94 -24.14 -14.94
C TRP B 133 -5.68 -25.39 -15.71
N PHE B 134 -6.47 -26.43 -15.44
CA PHE B 134 -6.38 -27.73 -16.16
C PHE B 134 -7.76 -28.18 -16.61
N ARG B 135 -7.82 -28.74 -17.81
CA ARG B 135 -9.03 -29.41 -18.30
C ARG B 135 -8.67 -30.89 -18.48
N ASN B 136 -9.33 -31.78 -17.75
CA ASN B 136 -9.04 -33.23 -17.80
C ASN B 136 -7.54 -33.51 -17.82
N GLY B 137 -6.83 -33.00 -16.82
CA GLY B 137 -5.44 -33.34 -16.61
C GLY B 137 -4.45 -32.60 -17.50
N GLN B 138 -4.92 -31.79 -18.46
CA GLN B 138 -4.04 -31.00 -19.35
C GLN B 138 -4.03 -29.55 -18.93
N GLU B 139 -2.87 -28.94 -18.79
CA GLU B 139 -2.87 -27.52 -18.48
C GLU B 139 -3.54 -26.75 -19.62
N GLU B 140 -4.41 -25.82 -19.28
CA GLU B 140 -5.05 -24.92 -20.23
C GLU B 140 -4.31 -23.62 -20.08
N LYS B 141 -3.52 -23.28 -21.10
CA LYS B 141 -2.70 -22.04 -21.12
C LYS B 141 -3.37 -20.94 -21.98
N THR B 142 -4.08 -21.35 -23.02
CA THR B 142 -4.92 -20.41 -23.74
C THR B 142 -6.21 -20.15 -22.95
N GLY B 143 -6.72 -18.95 -23.11
CA GLY B 143 -8.00 -18.54 -22.58
C GLY B 143 -8.00 -18.07 -21.15
N VAL B 144 -6.81 -17.82 -20.60
CA VAL B 144 -6.64 -17.39 -19.23
C VAL B 144 -6.45 -15.88 -19.15
N VAL B 145 -7.29 -15.25 -18.35
CA VAL B 145 -7.18 -13.86 -18.06
C VAL B 145 -7.31 -13.73 -16.56
N SER B 146 -6.69 -12.70 -16.00
CA SER B 146 -6.66 -12.51 -14.54
C SER B 146 -6.79 -11.05 -14.14
N THR B 147 -7.23 -10.81 -12.93
CA THR B 147 -7.10 -9.50 -12.31
C THR B 147 -5.63 -9.13 -12.01
N GLY B 148 -4.69 -10.04 -12.08
CA GLY B 148 -3.42 -9.81 -11.47
C GLY B 148 -3.55 -9.93 -9.98
N LEU B 149 -2.46 -9.61 -9.32
CA LEU B 149 -2.33 -9.61 -7.86
C LEU B 149 -2.92 -8.36 -7.23
N ILE B 150 -3.84 -8.54 -6.29
CA ILE B 150 -4.51 -7.42 -5.64
C ILE B 150 -4.20 -7.42 -4.15
N GLN B 151 -3.74 -6.29 -3.68
CA GLN B 151 -3.47 -6.00 -2.29
C GLN B 151 -4.72 -5.51 -1.66
N ASN B 152 -5.13 -6.08 -0.52
CA ASN B 152 -6.39 -5.66 0.14
C ASN B 152 -6.18 -4.56 1.11
N GLY B 153 -4.93 -4.26 1.42
CA GLY B 153 -4.52 -3.21 2.29
C GLY B 153 -4.54 -3.64 3.76
N ASP B 154 -4.87 -4.90 4.01
CA ASP B 154 -4.93 -5.42 5.40
C ASP B 154 -4.01 -6.62 5.64
N TRP B 155 -2.89 -6.66 4.92
CA TRP B 155 -1.92 -7.70 4.97
C TRP B 155 -2.43 -8.97 4.43
N THR B 156 -3.36 -8.89 3.49
CA THR B 156 -3.77 -10.00 2.67
C THR B 156 -3.88 -9.55 1.20
N PHE B 157 -3.80 -10.56 0.33
CA PHE B 157 -3.90 -10.43 -1.13
C PHE B 157 -5.03 -11.27 -1.60
N GLN B 158 -5.45 -10.95 -2.82
CA GLN B 158 -6.34 -11.84 -3.56
C GLN B 158 -6.01 -11.77 -5.03
N THR B 159 -6.52 -12.73 -5.77
CA THR B 159 -6.44 -12.66 -7.25
C THR B 159 -7.53 -13.53 -7.81
N LEU B 160 -8.16 -13.11 -8.91
CA LEU B 160 -9.06 -14.01 -9.67
C LEU B 160 -8.41 -14.43 -10.96
N VAL B 161 -8.47 -15.72 -11.23
CA VAL B 161 -7.92 -16.30 -12.46
C VAL B 161 -8.99 -17.11 -13.24
N MET B 162 -9.25 -16.63 -14.45
CA MET B 162 -10.38 -16.98 -15.25
C MET B 162 -10.02 -17.72 -16.48
N LEU B 163 -10.83 -18.75 -16.74
CA LEU B 163 -10.69 -19.62 -17.86
C LEU B 163 -11.90 -19.39 -18.76
N GLU B 164 -11.65 -18.75 -19.91
CA GLU B 164 -12.66 -18.56 -20.98
C GLU B 164 -12.81 -19.93 -21.65
N THR B 165 -13.97 -20.56 -21.48
CA THR B 165 -14.13 -21.93 -21.94
C THR B 165 -15.62 -22.19 -22.10
N VAL B 166 -15.99 -23.12 -22.98
CA VAL B 166 -17.36 -23.62 -23.07
C VAL B 166 -17.37 -25.01 -22.44
N PRO B 167 -17.82 -25.14 -21.17
CA PRO B 167 -17.73 -26.43 -20.51
C PRO B 167 -18.62 -27.48 -21.19
N ARG B 168 -18.14 -28.71 -21.22
CA ARG B 168 -18.90 -29.82 -21.76
C ARG B 168 -19.12 -30.87 -20.66
N SER B 169 -20.36 -31.29 -20.47
CA SER B 169 -20.74 -32.22 -19.40
C SER B 169 -19.73 -33.38 -19.26
N GLY B 170 -19.41 -33.74 -18.03
CA GLY B 170 -18.41 -34.77 -17.73
C GLY B 170 -16.95 -34.40 -17.96
N GLU B 171 -16.67 -33.19 -18.48
CA GLU B 171 -15.33 -32.61 -18.42
C GLU B 171 -15.11 -32.16 -16.98
N VAL B 172 -13.89 -32.37 -16.50
CA VAL B 172 -13.49 -31.88 -15.20
C VAL B 172 -12.36 -30.84 -15.32
N TYR B 173 -12.60 -29.71 -14.66
CA TYR B 173 -11.65 -28.60 -14.66
C TYR B 173 -10.98 -28.47 -13.29
N THR B 174 -9.65 -28.35 -13.30
CA THR B 174 -8.91 -28.10 -12.06
C THR B 174 -8.22 -26.74 -11.99
N CYS B 175 -8.45 -26.01 -10.89
CA CYS B 175 -7.68 -24.82 -10.48
C CYS B 175 -6.53 -25.26 -9.55
N GLN B 176 -5.30 -25.00 -9.94
CA GLN B 176 -4.14 -25.32 -9.13
C GLN B 176 -3.38 -24.10 -8.58
N VAL B 177 -3.18 -24.05 -7.26
CA VAL B 177 -2.53 -22.94 -6.58
C VAL B 177 -1.28 -23.35 -5.85
N GLU B 178 -0.20 -22.65 -6.15
CA GLU B 178 1.07 -22.84 -5.48
C GLU B 178 1.41 -21.54 -4.79
N HIS B 179 1.74 -21.63 -3.51
CA HIS B 179 2.11 -20.47 -2.71
C HIS B 179 3.17 -20.87 -1.69
N PRO B 180 3.99 -19.93 -1.26
CA PRO B 180 5.03 -20.26 -0.25
C PRO B 180 4.54 -20.76 1.10
N SER B 181 3.32 -20.43 1.48
CA SER B 181 2.76 -21.00 2.70
C SER B 181 2.44 -22.52 2.62
N LEU B 182 2.44 -23.12 1.43
CA LEU B 182 2.00 -24.50 1.27
C LEU B 182 3.21 -25.36 1.07
N THR B 183 3.11 -26.62 1.48
CA THR B 183 4.11 -27.66 1.22
C THR B 183 3.82 -28.37 -0.12
N SER B 184 2.57 -28.39 -0.55
CA SER B 184 2.17 -29.07 -1.79
C SER B 184 1.15 -28.19 -2.54
N PRO B 185 1.03 -28.33 -3.88
CA PRO B 185 0.02 -27.49 -4.54
C PRO B 185 -1.38 -27.77 -4.04
N LEU B 186 -2.16 -26.73 -3.91
CA LEU B 186 -3.56 -26.82 -3.59
C LEU B 186 -4.31 -26.97 -4.93
N THR B 187 -5.24 -27.92 -4.96
CA THR B 187 -6.03 -28.18 -6.16
C THR B 187 -7.52 -28.18 -5.88
N VAL B 188 -8.30 -27.51 -6.74
CA VAL B 188 -9.77 -27.47 -6.56
C VAL B 188 -10.39 -27.82 -7.90
N GLU B 189 -11.38 -28.75 -7.88
CA GLU B 189 -12.01 -29.26 -9.09
C GLU B 189 -13.38 -28.71 -9.30
N TRP B 190 -13.80 -28.72 -10.57
CA TRP B 190 -15.15 -28.37 -10.92
C TRP B 190 -15.54 -29.21 -12.13
N ARG B 191 -16.82 -29.65 -12.13
CA ARG B 191 -17.46 -30.44 -13.21
C ARG B 191 -18.82 -29.77 -13.49
N ALA B 192 -19.31 -29.82 -14.73
CA ALA B 192 -20.59 -29.14 -15.06
C ALA B 192 -21.84 -29.90 -14.55
N ALA C 3 11.80 -5.67 21.14
CA ALA C 3 10.37 -5.31 21.15
C ALA C 3 10.09 -3.88 20.66
N GLY C 4 11.10 -2.99 20.59
CA GLY C 4 10.90 -1.58 20.22
C GLY C 4 11.47 -1.25 18.85
N PHE C 5 10.64 -0.76 17.93
CA PHE C 5 11.12 -0.22 16.63
C PHE C 5 11.80 1.12 16.82
N LYS C 6 12.86 1.36 16.09
CA LYS C 6 13.48 2.70 16.14
C LYS C 6 13.11 3.57 14.94
N GLY C 7 12.87 4.84 15.20
CA GLY C 7 12.65 5.85 14.20
C GLY C 7 14.01 6.37 13.85
N GLU C 8 14.23 6.59 12.57
CA GLU C 8 15.41 7.28 12.11
C GLU C 8 15.08 8.76 12.04
N GLN C 9 15.99 9.57 12.54
CA GLN C 9 15.84 11.03 12.53
C GLN C 9 16.46 11.56 11.28
N GLY C 10 16.18 12.82 11.00
CA GLY C 10 16.79 13.47 9.86
C GLY C 10 17.22 14.88 10.21
N PRO C 11 18.20 15.44 9.46
CA PRO C 11 18.62 16.77 9.77
C PRO C 11 17.79 17.83 9.08
N LYS C 12 17.98 19.01 9.64
CA LYS C 12 17.41 20.23 9.15
C LYS C 12 18.29 20.74 8.01
N GLY C 13 17.63 21.29 7.01
CA GLY C 13 18.28 21.81 5.87
C GLY C 13 19.09 23.06 6.18
N GLU C 14 19.92 23.38 5.18
CA GLU C 14 20.57 24.69 5.03
C GLU C 14 19.55 25.83 5.16
N PRO C 15 19.57 26.59 6.28
CA PRO C 15 18.51 27.60 6.54
C PRO C 15 18.43 28.72 5.50
#